data_6WG5
#
_entry.id   6WG5
#
_cell.length_a   56.378
_cell.length_b   101.820
_cell.length_c   129.644
_cell.angle_alpha   90.000
_cell.angle_beta   90.000
_cell.angle_gamma   90.000
#
_symmetry.space_group_name_H-M   'P 21 21 21'
#
loop_
_entity.id
_entity.type
_entity.pdbx_description
1 polymer 'Ectonucleoside triphosphate diphosphohydrolase 4'
2 branched 2-acetamido-2-deoxy-beta-D-glucopyranose-(1-4)-2-acetamido-2-deoxy-beta-D-glucopyranose
3 water water
#
_entity_poly.entity_id   1
_entity_poly.type   'polypeptide(L)'
_entity_poly.pdbx_seq_one_letter_code
;DRHHHHHHKLYGRLTRDKKFQRYLARVTDIEATDTNNPNVNYGIVVDCGSSGSRVFVYCWPRHNGNPHDLLDIRQMRDKN
RKPVVMKIKPGISEFATSPEKVSDYISPLLNFAAEHVPRAKHKETPLYILCTAGMRILPESQQKAILEDLLTDIPVHFDF
LFSDSHAEVISGKQEGVYAWIGINFVLGRFEHIEDDDEAVVEVNIPGSESSEAIVRKRTAGILDMGGVSTQIAYEVPKTV
SFASSQQEEVAKNLLAEFNLGCDVHQTEHVYRVYVATFLGFGGNAARQRYEDRIFANTIQKNRLLGKQTGLTPDMPYLDP
CLPLDIKDEIQQNGQTIYLRGTGDFDLCRETIQPFMNKTNETQTSLNGVYQPPIHFQNSEFYGFSEFYYCTEDVLRMGGD
YNAAKFTKAAKDYCATKWSILRERFDRGLYASHADLHRLKYQCFKSAWMFEVFHRGFSFPVNYKSLKTALQVYDKEVQWT
LGAILYRTRFLPLRDIQQEAFRASHTHWRGVS
;
_entity_poly.pdbx_strand_id   A
#
# COMPACT_ATOMS: atom_id res chain seq x y z
N ASP A 17 13.37 -20.96 -11.28
CA ASP A 17 13.33 -22.31 -10.71
C ASP A 17 12.33 -22.36 -9.55
N LYS A 18 12.79 -22.06 -8.33
CA LYS A 18 11.87 -22.03 -7.20
C LYS A 18 10.94 -20.82 -7.27
N LYS A 19 11.41 -19.72 -7.87
CA LYS A 19 10.53 -18.57 -8.09
C LYS A 19 9.47 -18.90 -9.14
N PHE A 20 9.87 -19.58 -10.22
CA PHE A 20 8.91 -19.95 -11.25
C PHE A 20 7.90 -20.96 -10.72
N GLN A 21 8.35 -21.89 -9.88
CA GLN A 21 7.42 -22.86 -9.30
C GLN A 21 6.40 -22.18 -8.40
N ARG A 22 6.88 -21.30 -7.51
CA ARG A 22 5.96 -20.54 -6.66
CA ARG A 22 5.96 -20.55 -6.66
C ARG A 22 5.02 -19.68 -7.51
N TYR A 23 5.58 -19.00 -8.52
CA TYR A 23 4.77 -18.24 -9.46
C TYR A 23 3.73 -19.13 -10.12
N LEU A 24 4.13 -20.34 -10.50
CA LEU A 24 3.20 -21.26 -11.17
C LEU A 24 2.22 -21.88 -10.18
N ALA A 25 2.65 -22.09 -8.93
CA ALA A 25 1.76 -22.72 -7.95
C ALA A 25 0.59 -21.81 -7.60
N ARG A 26 0.87 -20.53 -7.34
CA ARG A 26 -0.20 -19.63 -6.91
C ARG A 26 -1.24 -19.42 -8.02
N VAL A 27 -0.83 -19.49 -9.28
CA VAL A 27 -1.77 -19.24 -10.38
C VAL A 27 -2.65 -20.44 -10.64
N THR A 28 -2.11 -21.66 -10.50
CA THR A 28 -2.84 -22.86 -10.88
C THR A 28 -3.48 -23.59 -9.72
N ASP A 29 -2.99 -23.40 -8.49
CA ASP A 29 -3.60 -24.01 -7.31
C ASP A 29 -4.77 -23.14 -6.86
N ILE A 30 -5.89 -23.30 -7.56
CA ILE A 30 -7.12 -22.57 -7.31
C ILE A 30 -8.29 -23.50 -7.02
N GLU A 31 -8.02 -24.78 -6.80
CA GLU A 31 -9.08 -25.73 -6.48
C GLU A 31 -9.91 -25.21 -5.29
N ALA A 32 -11.22 -25.39 -5.40
CA ALA A 32 -12.12 -24.89 -4.36
C ALA A 32 -11.73 -25.42 -3.00
N THR A 33 -11.85 -24.56 -1.99
CA THR A 33 -11.59 -24.98 -0.62
C THR A 33 -12.52 -26.13 -0.24
N ASP A 34 -11.94 -27.20 0.30
CA ASP A 34 -12.72 -28.37 0.67
C ASP A 34 -13.35 -28.12 2.03
N THR A 35 -14.60 -27.64 2.02
CA THR A 35 -15.30 -27.37 3.25
C THR A 35 -15.57 -28.64 4.06
N ASN A 36 -15.43 -29.81 3.45
CA ASN A 36 -15.63 -31.07 4.14
C ASN A 36 -14.39 -31.57 4.87
N ASN A 37 -13.26 -30.87 4.73
CA ASN A 37 -12.03 -31.26 5.41
C ASN A 37 -12.01 -30.67 6.81
N PRO A 38 -12.03 -31.47 7.88
CA PRO A 38 -12.04 -30.90 9.23
C PRO A 38 -10.72 -30.30 9.66
N ASN A 39 -9.65 -30.50 8.90
CA ASN A 39 -8.33 -29.97 9.25
C ASN A 39 -8.07 -28.60 8.64
N VAL A 40 -9.06 -27.98 8.02
CA VAL A 40 -8.96 -26.61 7.51
C VAL A 40 -9.60 -25.67 8.51
N ASN A 41 -8.94 -24.55 8.77
CA ASN A 41 -9.45 -23.52 9.66
C ASN A 41 -9.64 -22.23 8.86
N TYR A 42 -10.48 -21.34 9.39
CA TYR A 42 -10.92 -20.18 8.64
C TYR A 42 -10.75 -18.91 9.47
N GLY A 43 -10.65 -17.79 8.76
CA GLY A 43 -10.58 -16.48 9.39
C GLY A 43 -11.21 -15.46 8.46
N ILE A 44 -11.79 -14.43 9.06
CA ILE A 44 -12.57 -13.44 8.32
C ILE A 44 -12.07 -12.05 8.67
N VAL A 45 -11.83 -11.23 7.65
CA VAL A 45 -11.39 -9.85 7.81
C VAL A 45 -12.33 -8.95 7.01
N VAL A 46 -12.77 -7.86 7.62
CA VAL A 46 -13.59 -6.85 6.95
C VAL A 46 -12.76 -5.58 6.82
N ASP A 47 -12.58 -5.13 5.58
CA ASP A 47 -11.93 -3.85 5.30
C ASP A 47 -13.01 -2.78 5.20
N CYS A 48 -13.08 -1.91 6.22
CA CYS A 48 -14.07 -0.84 6.26
C CYS A 48 -13.42 0.45 5.77
N GLY A 49 -13.48 0.67 4.45
CA GLY A 49 -12.91 1.85 3.85
C GLY A 49 -13.90 3.00 3.77
N SER A 50 -13.45 4.09 3.14
CA SER A 50 -14.30 5.27 3.01
C SER A 50 -15.42 5.02 1.99
N SER A 51 -15.05 4.52 0.80
CA SER A 51 -16.03 4.33 -0.27
C SER A 51 -16.92 3.12 -0.04
N GLY A 52 -16.54 2.20 0.84
CA GLY A 52 -17.34 1.01 1.07
C GLY A 52 -16.64 0.06 2.01
N SER A 53 -17.14 -1.17 2.04
CA SER A 53 -16.61 -2.21 2.91
C SER A 53 -16.50 -3.52 2.14
N ARG A 54 -15.46 -4.28 2.43
CA ARG A 54 -15.22 -5.58 1.79
C ARG A 54 -14.88 -6.60 2.86
N VAL A 55 -15.25 -7.85 2.59
CA VAL A 55 -15.00 -8.96 3.50
C VAL A 55 -14.19 -10.02 2.75
N PHE A 56 -13.20 -10.59 3.43
CA PHE A 56 -12.37 -11.65 2.87
C PHE A 56 -12.38 -12.83 3.82
N VAL A 57 -12.58 -14.03 3.28
CA VAL A 57 -12.48 -15.26 4.04
C VAL A 57 -11.15 -15.92 3.70
N TYR A 58 -10.34 -16.17 4.72
CA TYR A 58 -9.07 -16.86 4.56
C TYR A 58 -9.14 -18.21 5.26
N CYS A 59 -8.45 -19.20 4.68
CA CYS A 59 -8.36 -20.52 5.28
C CYS A 59 -6.92 -20.99 5.25
N TRP A 60 -6.63 -22.01 6.04
CA TRP A 60 -5.29 -22.58 6.11
C TRP A 60 -5.39 -24.00 6.65
N PRO A 61 -4.47 -24.88 6.29
CA PRO A 61 -4.45 -26.23 6.85
C PRO A 61 -3.76 -26.23 8.21
N ARG A 62 -3.74 -27.40 8.85
CA ARG A 62 -3.10 -27.51 10.15
C ARG A 62 -1.62 -27.15 10.04
N HIS A 63 -1.11 -26.52 11.08
CA HIS A 63 0.30 -26.16 11.13
C HIS A 63 1.15 -27.42 11.28
N ASN A 64 2.25 -27.47 10.52
CA ASN A 64 3.09 -28.67 10.45
C ASN A 64 3.95 -28.89 11.67
N GLY A 65 3.84 -28.05 12.71
CA GLY A 65 4.61 -28.22 13.92
C GLY A 65 6.00 -27.62 13.91
N ASN A 66 6.41 -26.97 12.82
CA ASN A 66 7.73 -26.36 12.75
C ASN A 66 7.67 -24.94 13.28
N PRO A 67 8.36 -24.60 14.38
CA PRO A 67 8.25 -23.25 14.93
C PRO A 67 8.69 -22.16 13.97
N HIS A 68 9.51 -22.49 12.96
CA HIS A 68 10.02 -21.51 12.03
C HIS A 68 9.04 -21.19 10.90
N ASP A 69 7.95 -21.95 10.77
CA ASP A 69 7.01 -21.77 9.68
C ASP A 69 5.76 -21.03 10.15
N LEU A 70 5.31 -20.09 9.33
CA LEU A 70 4.04 -19.42 9.56
C LEU A 70 2.89 -20.27 9.02
N LEU A 71 1.67 -19.83 9.31
CA LEU A 71 0.51 -20.50 8.75
C LEU A 71 0.48 -20.36 7.24
N ASP A 72 -0.09 -21.37 6.58
CA ASP A 72 -0.21 -21.37 5.12
C ASP A 72 -1.56 -20.77 4.73
N ILE A 73 -1.70 -19.47 5.01
CA ILE A 73 -2.96 -18.77 4.82
C ILE A 73 -3.18 -18.48 3.35
N ARG A 74 -4.41 -18.72 2.89
CA ARG A 74 -4.81 -18.46 1.50
C ARG A 74 -6.25 -17.95 1.50
N GLN A 75 -6.60 -17.24 0.44
CA GLN A 75 -7.99 -16.87 0.24
C GLN A 75 -8.84 -18.11 0.03
N MET A 76 -9.99 -18.16 0.70
CA MET A 76 -10.91 -19.27 0.48
C MET A 76 -11.40 -19.26 -0.96
N ARG A 77 -11.68 -20.46 -1.48
CA ARG A 77 -12.11 -20.64 -2.86
C ARG A 77 -13.47 -21.31 -2.88
N ASP A 78 -14.44 -20.68 -3.52
CA ASP A 78 -15.79 -21.22 -3.58
C ASP A 78 -15.86 -22.36 -4.59
N LYS A 79 -17.07 -22.89 -4.80
CA LYS A 79 -17.25 -23.99 -5.72
C LYS A 79 -16.88 -23.58 -7.15
N ASN A 80 -17.04 -22.30 -7.48
CA ASN A 80 -16.63 -21.80 -8.80
C ASN A 80 -15.14 -21.51 -8.89
N ARG A 81 -14.38 -21.79 -7.83
CA ARG A 81 -12.93 -21.54 -7.81
C ARG A 81 -12.63 -20.05 -7.87
N LYS A 82 -13.41 -19.26 -7.14
CA LYS A 82 -13.23 -17.81 -7.05
C LYS A 82 -12.92 -17.41 -5.61
N PRO A 83 -12.18 -16.32 -5.40
CA PRO A 83 -11.91 -15.88 -4.03
C PRO A 83 -13.19 -15.45 -3.33
N VAL A 84 -13.36 -15.92 -2.10
CA VAL A 84 -14.55 -15.62 -1.30
C VAL A 84 -14.49 -14.17 -0.83
N VAL A 85 -15.01 -13.26 -1.66
CA VAL A 85 -14.99 -11.83 -1.35
C VAL A 85 -16.34 -11.23 -1.69
N MET A 86 -16.78 -10.27 -0.89
CA MET A 86 -17.99 -9.49 -1.16
C MET A 86 -17.74 -8.05 -0.76
N LYS A 87 -18.36 -7.13 -1.50
CA LYS A 87 -18.19 -5.70 -1.28
C LYS A 87 -19.55 -5.03 -1.21
N ILE A 88 -19.64 -3.99 -0.36
CA ILE A 88 -20.86 -3.20 -0.23
C ILE A 88 -20.47 -1.73 -0.10
N LYS A 89 -21.40 -0.86 -0.47
CA LYS A 89 -21.22 0.58 -0.36
C LYS A 89 -22.30 1.16 0.54
N PRO A 90 -22.13 2.43 0.98
CA PRO A 90 -21.08 3.40 0.69
C PRO A 90 -19.96 3.49 1.73
N GLY A 91 -20.00 2.65 2.76
CA GLY A 91 -19.00 2.67 3.81
C GLY A 91 -19.62 2.89 5.18
N ILE A 92 -18.80 2.66 6.20
CA ILE A 92 -19.27 2.74 7.57
C ILE A 92 -19.23 4.18 8.10
N SER A 93 -18.33 5.02 7.58
CA SER A 93 -18.20 6.37 8.09
C SER A 93 -19.47 7.20 7.90
N GLU A 94 -20.34 6.81 6.97
CA GLU A 94 -21.55 7.60 6.72
C GLU A 94 -22.46 7.61 7.94
N PHE A 95 -22.41 6.57 8.77
CA PHE A 95 -23.26 6.47 9.96
C PHE A 95 -22.62 7.14 11.18
N ALA A 96 -21.79 8.17 10.96
CA ALA A 96 -21.23 8.92 12.06
C ALA A 96 -22.31 9.34 13.06
N THR A 97 -23.49 9.69 12.54
CA THR A 97 -24.62 10.11 13.37
C THR A 97 -25.65 9.00 13.58
N SER A 98 -25.47 7.85 12.93
CA SER A 98 -26.42 6.74 13.06
C SER A 98 -25.71 5.48 13.52
N PRO A 99 -24.98 5.52 14.64
CA PRO A 99 -24.25 4.32 15.06
C PRO A 99 -25.15 3.13 15.32
N GLU A 100 -26.36 3.34 15.84
CA GLU A 100 -27.27 2.22 16.07
C GLU A 100 -27.62 1.50 14.78
N LYS A 101 -27.51 2.18 13.63
CA LYS A 101 -27.90 1.65 12.34
C LYS A 101 -26.80 0.82 11.68
N VAL A 102 -25.60 0.77 12.26
CA VAL A 102 -24.44 0.25 11.54
C VAL A 102 -24.48 -1.27 11.45
N SER A 103 -24.98 -1.94 12.49
CA SER A 103 -24.93 -3.39 12.52
C SER A 103 -25.75 -4.04 11.41
N ASP A 104 -26.75 -3.34 10.87
CA ASP A 104 -27.50 -3.84 9.74
C ASP A 104 -26.79 -3.59 8.41
N TYR A 105 -25.87 -2.63 8.37
CA TYR A 105 -25.16 -2.32 7.13
C TYR A 105 -24.13 -3.40 6.78
N ILE A 106 -23.45 -3.94 7.80
CA ILE A 106 -22.47 -5.00 7.58
C ILE A 106 -23.10 -6.38 7.60
N SER A 107 -24.40 -6.49 7.87
CA SER A 107 -25.05 -7.79 7.89
C SER A 107 -24.89 -8.55 6.58
N PRO A 108 -25.08 -7.94 5.41
CA PRO A 108 -24.88 -8.69 4.16
C PRO A 108 -23.49 -9.30 4.04
N LEU A 109 -22.48 -8.69 4.64
CA LEU A 109 -21.13 -9.23 4.55
C LEU A 109 -20.94 -10.44 5.45
N LEU A 110 -21.49 -10.40 6.66
CA LEU A 110 -21.29 -11.49 7.61
C LEU A 110 -22.13 -12.71 7.23
N ASN A 111 -23.35 -12.49 6.73
CA ASN A 111 -24.13 -13.60 6.19
C ASN A 111 -23.41 -14.26 5.03
N PHE A 112 -22.74 -13.45 4.18
CA PHE A 112 -21.95 -14.00 3.09
C PHE A 112 -20.86 -14.93 3.63
N ALA A 113 -20.14 -14.47 4.67
CA ALA A 113 -19.10 -15.30 5.27
C ALA A 113 -19.68 -16.53 5.94
N ALA A 114 -20.79 -16.35 6.68
CA ALA A 114 -21.39 -17.48 7.38
C ALA A 114 -21.88 -18.56 6.43
N GLU A 115 -22.24 -18.18 5.20
CA GLU A 115 -22.63 -19.17 4.20
C GLU A 115 -21.47 -20.09 3.85
N HIS A 116 -20.31 -19.50 3.55
CA HIS A 116 -19.19 -20.27 3.03
C HIS A 116 -18.46 -21.03 4.13
N VAL A 117 -18.29 -20.42 5.30
CA VAL A 117 -17.60 -21.10 6.40
C VAL A 117 -18.53 -22.15 7.00
N PRO A 118 -18.11 -23.41 7.13
CA PRO A 118 -19.00 -24.43 7.69
C PRO A 118 -19.52 -24.03 9.06
N ARG A 119 -20.81 -24.32 9.30
CA ARG A 119 -21.44 -23.97 10.57
C ARG A 119 -20.63 -24.49 11.75
N ALA A 120 -20.02 -25.66 11.61
CA ALA A 120 -19.28 -26.26 12.72
C ALA A 120 -18.03 -25.47 13.08
N LYS A 121 -17.48 -24.70 12.15
CA LYS A 121 -16.23 -23.97 12.39
C LYS A 121 -16.45 -22.51 12.79
N HIS A 122 -17.69 -22.01 12.76
CA HIS A 122 -17.95 -20.63 13.13
C HIS A 122 -17.41 -20.32 14.53
N LYS A 123 -17.67 -21.21 15.49
CA LYS A 123 -17.25 -20.96 16.86
C LYS A 123 -15.73 -20.80 16.96
N GLU A 124 -14.98 -21.43 16.07
CA GLU A 124 -13.53 -21.38 16.07
C GLU A 124 -12.96 -20.43 15.03
N THR A 125 -13.81 -19.67 14.34
CA THR A 125 -13.36 -18.78 13.27
C THR A 125 -13.35 -17.35 13.78
N PRO A 126 -12.21 -16.67 13.79
CA PRO A 126 -12.19 -15.27 14.23
C PRO A 126 -12.71 -14.32 13.16
N LEU A 127 -13.33 -13.24 13.62
CA LEU A 127 -13.80 -12.16 12.76
C LEU A 127 -13.09 -10.87 13.16
N TYR A 128 -12.46 -10.22 12.20
CA TYR A 128 -11.78 -8.95 12.42
C TYR A 128 -12.39 -7.89 11.51
N ILE A 129 -12.79 -6.77 12.11
CA ILE A 129 -13.34 -5.63 11.38
C ILE A 129 -12.39 -4.47 11.60
N LEU A 130 -11.68 -4.08 10.56
CA LEU A 130 -10.64 -3.06 10.63
C LEU A 130 -11.00 -1.92 9.69
N CYS A 131 -11.14 -0.72 10.25
CA CYS A 131 -11.59 0.46 9.51
C CYS A 131 -10.40 1.38 9.26
N THR A 132 -10.41 2.03 8.10
CA THR A 132 -9.28 2.85 7.69
C THR A 132 -9.61 4.34 7.71
N ALA A 133 -9.54 5.01 6.55
CA ALA A 133 -9.59 6.47 6.53
C ALA A 133 -10.98 7.01 6.83
N GLY A 134 -12.02 6.28 6.46
CA GLY A 134 -13.38 6.78 6.68
C GLY A 134 -13.67 7.06 8.15
N MET A 135 -13.19 6.18 9.04
CA MET A 135 -13.44 6.32 10.46
C MET A 135 -12.36 7.13 11.18
N ARG A 136 -11.19 7.30 10.55
CA ARG A 136 -10.09 8.01 11.22
C ARG A 136 -10.43 9.48 11.42
N ILE A 137 -11.15 10.10 10.47
CA ILE A 137 -11.44 11.53 10.54
C ILE A 137 -12.75 11.82 11.26
N LEU A 138 -13.46 10.80 11.75
CA LEU A 138 -14.61 11.05 12.59
C LEU A 138 -14.17 11.48 13.98
N PRO A 139 -15.02 12.21 14.71
CA PRO A 139 -14.71 12.50 16.11
C PRO A 139 -14.57 11.21 16.90
N GLU A 140 -13.55 11.16 17.76
CA GLU A 140 -13.26 9.94 18.50
C GLU A 140 -14.50 9.42 19.23
N SER A 141 -15.36 10.33 19.70
CA SER A 141 -16.57 9.90 20.39
C SER A 141 -17.46 9.06 19.50
N GLN A 142 -17.53 9.41 18.21
CA GLN A 142 -18.40 8.68 17.28
C GLN A 142 -17.75 7.40 16.78
N GLN A 143 -16.42 7.35 16.71
CA GLN A 143 -15.74 6.10 16.41
C GLN A 143 -16.11 5.03 17.42
N LYS A 144 -16.01 5.35 18.70
CA LYS A 144 -16.31 4.38 19.75
C LYS A 144 -17.77 3.94 19.69
N ALA A 145 -18.67 4.84 19.31
CA ALA A 145 -20.09 4.48 19.22
C ALA A 145 -20.30 3.36 18.21
N ILE A 146 -19.63 3.44 17.06
CA ILE A 146 -19.83 2.45 16.00
C ILE A 146 -19.26 1.10 16.42
N LEU A 147 -18.03 1.09 16.94
CA LEU A 147 -17.42 -0.17 17.36
C LEU A 147 -18.30 -0.88 18.39
N GLU A 148 -18.87 -0.13 19.33
CA GLU A 148 -19.64 -0.74 20.40
C GLU A 148 -20.92 -1.36 19.87
N ASP A 149 -21.57 -0.73 18.89
CA ASP A 149 -22.77 -1.32 18.31
C ASP A 149 -22.43 -2.65 17.61
N LEU A 150 -21.28 -2.70 16.94
CA LEU A 150 -20.83 -3.95 16.35
C LEU A 150 -20.49 -4.98 17.42
N LEU A 151 -19.83 -4.55 18.49
CA LEU A 151 -19.40 -5.48 19.53
C LEU A 151 -20.59 -6.06 20.29
N THR A 152 -21.58 -5.23 20.61
CA THR A 152 -22.72 -5.72 21.39
C THR A 152 -23.71 -6.51 20.54
N ASP A 153 -23.77 -6.24 19.24
CA ASP A 153 -24.81 -6.79 18.37
C ASP A 153 -24.38 -8.05 17.65
N ILE A 154 -23.15 -8.11 17.14
CA ILE A 154 -22.72 -9.25 16.33
C ILE A 154 -22.73 -10.55 17.14
N PRO A 155 -22.16 -10.62 18.34
CA PRO A 155 -22.08 -11.91 19.04
C PRO A 155 -23.41 -12.64 19.16
N VAL A 156 -24.52 -11.90 19.22
CA VAL A 156 -25.83 -12.55 19.36
C VAL A 156 -26.23 -13.21 18.05
N HIS A 157 -25.92 -12.57 16.92
CA HIS A 157 -26.39 -13.04 15.62
C HIS A 157 -25.41 -13.97 14.93
N PHE A 158 -24.15 -14.01 15.36
CA PHE A 158 -23.15 -14.88 14.74
C PHE A 158 -22.31 -15.52 15.82
N ASP A 159 -21.76 -16.69 15.50
CA ASP A 159 -20.97 -17.48 16.45
C ASP A 159 -19.47 -17.28 16.29
N PHE A 160 -19.04 -16.32 15.47
CA PHE A 160 -17.62 -16.08 15.27
C PHE A 160 -16.97 -15.56 16.56
N LEU A 161 -15.69 -15.85 16.72
CA LEU A 161 -14.91 -15.29 17.82
C LEU A 161 -14.79 -13.78 17.60
N PHE A 162 -15.49 -13.00 18.42
CA PHE A 162 -15.54 -11.55 18.24
C PHE A 162 -15.51 -10.90 19.61
N SER A 163 -14.47 -10.11 19.87
CA SER A 163 -14.27 -9.45 21.15
C SER A 163 -13.93 -7.98 20.91
N ASP A 164 -13.69 -7.26 22.00
CA ASP A 164 -13.37 -5.83 21.92
C ASP A 164 -12.20 -5.59 20.97
N SER A 165 -11.14 -6.38 21.11
CA SER A 165 -9.95 -6.18 20.29
C SER A 165 -10.17 -6.50 18.82
N HIS A 166 -11.25 -7.23 18.50
CA HIS A 166 -11.49 -7.65 17.12
C HIS A 166 -12.06 -6.54 16.25
N ALA A 167 -12.68 -5.53 16.85
CA ALA A 167 -13.20 -4.37 16.13
C ALA A 167 -12.34 -3.17 16.50
N GLU A 168 -11.75 -2.53 15.48
CA GLU A 168 -10.74 -1.51 15.73
C GLU A 168 -10.60 -0.62 14.51
N VAL A 169 -10.26 0.64 14.77
CA VAL A 169 -9.88 1.59 13.74
C VAL A 169 -8.36 1.60 13.69
N ILE A 170 -7.79 1.05 12.62
CA ILE A 170 -6.34 0.94 12.50
C ILE A 170 -5.78 2.24 11.94
N SER A 171 -4.55 2.56 12.33
CA SER A 171 -3.87 3.74 11.84
C SER A 171 -3.30 3.48 10.45
N GLY A 172 -2.97 4.57 9.75
CA GLY A 172 -2.33 4.44 8.45
C GLY A 172 -1.00 3.71 8.54
N LYS A 173 -0.27 3.88 9.64
CA LYS A 173 0.95 3.13 9.85
C LYS A 173 0.68 1.63 9.90
N GLN A 174 -0.36 1.22 10.62
CA GLN A 174 -0.72 -0.19 10.67
C GLN A 174 -1.12 -0.71 9.30
N GLU A 175 -1.86 0.11 8.54
CA GLU A 175 -2.26 -0.31 7.20
C GLU A 175 -1.04 -0.54 6.32
N GLY A 176 -0.04 0.33 6.44
CA GLY A 176 1.19 0.12 5.68
C GLY A 176 1.93 -1.14 6.09
N VAL A 177 2.01 -1.40 7.39
CA VAL A 177 2.66 -2.63 7.86
C VAL A 177 1.92 -3.84 7.33
N TYR A 178 0.60 -3.87 7.49
CA TYR A 178 -0.17 -5.02 7.01
C TYR A 178 0.04 -5.24 5.52
N ALA A 179 0.05 -4.16 4.72
CA ALA A 179 0.29 -4.31 3.30
C ALA A 179 1.70 -4.83 3.03
N TRP A 180 2.68 -4.36 3.82
CA TRP A 180 4.05 -4.84 3.65
C TRP A 180 4.15 -6.33 3.99
N ILE A 181 3.45 -6.76 5.04
CA ILE A 181 3.42 -8.19 5.37
C ILE A 181 2.76 -8.98 4.26
N GLY A 182 1.68 -8.45 3.69
CA GLY A 182 0.96 -9.18 2.67
C GLY A 182 1.81 -9.52 1.47
N ILE A 183 2.53 -8.54 0.94
CA ILE A 183 3.30 -8.78 -0.28
C ILE A 183 4.46 -9.72 -0.01
N ASN A 184 5.18 -9.51 1.09
CA ASN A 184 6.32 -10.35 1.39
C ASN A 184 5.90 -11.79 1.70
N PHE A 185 4.69 -11.96 2.24
CA PHE A 185 4.20 -13.31 2.52
C PHE A 185 4.00 -14.09 1.23
N VAL A 186 3.24 -13.53 0.29
CA VAL A 186 3.00 -14.23 -0.97
C VAL A 186 4.31 -14.42 -1.73
N LEU A 187 5.25 -13.49 -1.60
CA LEU A 187 6.55 -13.66 -2.22
C LEU A 187 7.42 -14.67 -1.50
N GLY A 188 6.98 -15.20 -0.37
CA GLY A 188 7.71 -16.23 0.33
C GLY A 188 8.88 -15.74 1.15
N ARG A 189 8.94 -14.45 1.47
CA ARG A 189 10.08 -13.89 2.18
C ARG A 189 10.08 -14.22 3.67
N PHE A 190 8.99 -14.76 4.19
CA PHE A 190 8.96 -15.26 5.56
C PHE A 190 9.20 -16.76 5.64
N GLU A 191 9.32 -17.44 4.51
CA GLU A 191 9.81 -18.81 4.47
C GLU A 191 11.31 -18.79 4.62
N HIS A 192 11.82 -19.39 5.68
CA HIS A 192 13.23 -19.29 6.05
C HIS A 192 13.96 -20.58 5.74
N ILE A 193 15.25 -20.44 5.42
CA ILE A 193 16.07 -21.53 4.87
C ILE A 193 15.59 -21.78 3.45
N GLU A 194 16.43 -22.43 2.64
CA GLU A 194 16.18 -22.61 1.22
C GLU A 194 16.24 -21.29 0.47
N ASP A 195 16.80 -20.26 1.09
CA ASP A 195 17.10 -19.00 0.41
C ASP A 195 18.29 -19.12 -0.53
N ASP A 196 18.38 -20.24 -1.24
CA ASP A 196 19.53 -20.51 -2.09
C ASP A 196 19.48 -19.65 -3.35
N ASP A 197 18.27 -19.45 -3.89
CA ASP A 197 18.08 -18.58 -5.05
C ASP A 197 17.86 -17.13 -4.66
N GLU A 198 17.21 -16.89 -3.52
CA GLU A 198 16.85 -15.54 -3.11
C GLU A 198 18.02 -14.84 -2.43
N ALA A 199 17.88 -13.53 -2.28
CA ALA A 199 18.87 -12.70 -1.62
C ALA A 199 18.67 -12.70 -0.11
N VAL A 200 19.77 -12.42 0.62
CA VAL A 200 19.76 -12.42 2.07
C VAL A 200 20.33 -11.10 2.57
N VAL A 201 19.99 -10.78 3.83
CA VAL A 201 20.43 -9.56 4.48
C VAL A 201 20.91 -9.89 5.88
N GLU A 202 21.75 -9.01 6.41
CA GLU A 202 22.18 -9.07 7.80
C GLU A 202 21.26 -8.16 8.62
N VAL A 203 20.68 -8.70 9.69
CA VAL A 203 19.68 -8.01 10.48
C VAL A 203 20.20 -7.81 11.90
N ASN A 204 19.96 -6.62 12.44
CA ASN A 204 20.20 -6.33 13.85
C ASN A 204 18.84 -6.25 14.54
N ILE A 205 18.54 -7.24 15.36
CA ILE A 205 17.24 -7.26 16.05
C ILE A 205 17.19 -6.10 17.03
N PRO A 206 16.10 -5.32 17.08
CA PRO A 206 16.04 -4.18 17.99
C PRO A 206 16.36 -4.58 19.43
N GLY A 207 17.30 -3.86 20.03
CA GLY A 207 17.67 -4.12 21.41
C GLY A 207 18.56 -5.34 21.60
N SER A 208 19.53 -5.54 20.70
CA SER A 208 20.41 -6.69 20.79
C SER A 208 21.76 -6.32 20.19
N GLU A 209 22.81 -6.96 20.70
CA GLU A 209 24.17 -6.61 20.32
C GLU A 209 24.37 -6.71 18.81
N SER A 210 25.41 -6.03 18.32
CA SER A 210 25.74 -6.05 16.91
C SER A 210 26.28 -7.40 16.47
N SER A 211 26.84 -8.19 17.38
CA SER A 211 27.34 -9.52 17.06
C SER A 211 26.26 -10.60 17.10
N GLU A 212 25.07 -10.27 17.61
CA GLU A 212 23.93 -11.16 17.56
C GLU A 212 23.14 -11.02 16.26
N ALA A 213 23.76 -10.45 15.22
CA ALA A 213 23.08 -10.27 13.95
C ALA A 213 22.77 -11.61 13.31
N ILE A 214 21.61 -11.68 12.64
CA ILE A 214 21.18 -12.89 11.96
C ILE A 214 21.19 -12.63 10.45
N VAL A 215 21.05 -13.71 9.68
CA VAL A 215 20.99 -13.65 8.22
C VAL A 215 19.73 -14.36 7.78
N ARG A 216 18.87 -13.66 7.04
CA ARG A 216 17.62 -14.23 6.56
C ARG A 216 17.28 -13.61 5.21
N LYS A 217 16.20 -14.10 4.61
CA LYS A 217 15.77 -13.60 3.30
C LYS A 217 15.56 -12.10 3.34
N ARG A 218 16.08 -11.41 2.32
CA ARG A 218 15.76 -10.01 2.12
C ARG A 218 14.29 -9.84 1.81
N THR A 219 13.69 -8.76 2.31
CA THR A 219 12.30 -8.44 2.03
C THR A 219 12.21 -7.40 0.92
N ALA A 220 10.99 -7.22 0.43
CA ALA A 220 10.69 -6.27 -0.65
C ALA A 220 9.91 -5.10 -0.09
N GLY A 221 10.42 -3.89 -0.30
CA GLY A 221 9.69 -2.69 0.06
C GLY A 221 8.57 -2.40 -0.92
N ILE A 222 7.68 -1.50 -0.52
CA ILE A 222 6.53 -1.12 -1.34
C ILE A 222 6.51 0.39 -1.48
N LEU A 223 6.36 0.86 -2.71
CA LEU A 223 6.11 2.25 -3.04
C LEU A 223 4.72 2.34 -3.67
N ASP A 224 3.89 3.24 -3.15
CA ASP A 224 2.53 3.38 -3.64
C ASP A 224 2.20 4.85 -3.78
N MET A 225 1.96 5.30 -5.00
CA MET A 225 1.56 6.67 -5.28
C MET A 225 0.12 6.65 -5.77
N GLY A 226 -0.81 7.08 -4.93
CA GLY A 226 -2.20 7.17 -5.29
C GLY A 226 -2.51 8.50 -5.94
N GLY A 227 -3.81 8.82 -5.99
CA GLY A 227 -4.23 10.11 -6.52
C GLY A 227 -3.93 11.24 -5.54
N VAL A 228 -4.10 10.97 -4.24
CA VAL A 228 -3.95 12.00 -3.21
C VAL A 228 -2.65 11.83 -2.43
N SER A 229 -2.26 10.58 -2.16
CA SER A 229 -1.16 10.32 -1.24
C SER A 229 -0.11 9.44 -1.88
N THR A 230 1.12 9.55 -1.37
CA THR A 230 2.21 8.65 -1.70
C THR A 230 2.64 7.96 -0.43
N GLN A 231 2.77 6.63 -0.49
CA GLN A 231 3.13 5.82 0.65
C GLN A 231 4.39 5.02 0.34
N ILE A 232 5.23 4.85 1.37
CA ILE A 232 6.47 4.08 1.25
C ILE A 232 6.62 3.23 2.50
N ALA A 233 6.99 1.97 2.31
CA ALA A 233 7.21 1.07 3.44
C ALA A 233 8.33 0.10 3.10
N TYR A 234 9.28 -0.07 4.02
CA TYR A 234 10.36 -1.01 3.82
C TYR A 234 10.98 -1.40 5.15
N GLU A 235 11.73 -2.50 5.13
CA GLU A 235 12.39 -2.99 6.31
C GLU A 235 13.69 -2.23 6.54
N VAL A 236 14.00 -1.98 7.81
CA VAL A 236 15.26 -1.36 8.20
C VAL A 236 16.10 -2.43 8.89
N PRO A 237 16.94 -3.16 8.16
CA PRO A 237 17.61 -4.31 8.79
C PRO A 237 18.68 -3.93 9.79
N LYS A 238 19.47 -2.90 9.50
CA LYS A 238 20.61 -2.55 10.33
C LYS A 238 20.22 -1.55 11.42
N THR A 239 20.95 -1.62 12.54
CA THR A 239 20.77 -0.65 13.61
C THR A 239 20.86 0.77 13.06
N VAL A 240 19.98 1.63 13.54
CA VAL A 240 19.92 3.02 13.10
C VAL A 240 20.54 3.90 14.17
N SER A 241 21.41 4.82 13.76
CA SER A 241 22.02 5.79 14.65
C SER A 241 21.38 7.14 14.38
N PHE A 242 20.59 7.62 15.34
CA PHE A 242 19.87 8.88 15.17
C PHE A 242 20.76 10.06 15.53
N ALA A 243 20.55 11.17 14.82
CA ALA A 243 21.36 12.37 15.04
C ALA A 243 20.90 13.16 16.26
N SER A 244 19.61 13.12 16.57
CA SER A 244 19.05 13.88 17.68
CA SER A 244 19.05 13.88 17.68
C SER A 244 18.01 13.04 18.40
N SER A 245 17.94 13.23 19.73
CA SER A 245 16.88 12.57 20.49
C SER A 245 15.52 12.97 19.96
N GLN A 246 15.39 14.22 19.49
CA GLN A 246 14.14 14.64 18.85
C GLN A 246 13.90 13.88 17.56
N GLN A 247 14.95 13.70 16.74
CA GLN A 247 14.80 12.92 15.52
C GLN A 247 14.27 11.52 15.83
N GLU A 248 14.75 10.92 16.93
CA GLU A 248 14.24 9.62 17.34
C GLU A 248 12.77 9.68 17.70
N GLU A 249 12.31 10.80 18.28
CA GLU A 249 10.89 10.94 18.59
C GLU A 249 10.06 10.87 17.32
N VAL A 250 10.52 11.52 16.25
CA VAL A 250 9.82 11.42 14.96
C VAL A 250 9.90 10.00 14.41
N ALA A 251 11.09 9.40 14.48
CA ALA A 251 11.27 8.07 13.90
C ALA A 251 10.46 7.02 14.65
N LYS A 252 10.33 7.17 15.98
CA LYS A 252 9.48 6.27 16.76
C LYS A 252 8.13 6.09 16.08
N ASN A 253 7.53 7.19 15.64
CA ASN A 253 6.18 7.16 15.09
C ASN A 253 6.13 6.59 13.69
N LEU A 254 7.27 6.50 12.99
CA LEU A 254 7.32 5.98 11.64
C LEU A 254 7.95 4.60 11.56
N LEU A 255 8.26 3.98 12.70
CA LEU A 255 8.87 2.67 12.76
C LEU A 255 7.96 1.72 13.52
N ALA A 256 7.80 0.51 12.99
CA ALA A 256 7.03 -0.54 13.63
C ALA A 256 7.94 -1.73 13.90
N GLU A 257 7.90 -2.24 15.13
CA GLU A 257 8.67 -3.40 15.52
C GLU A 257 7.72 -4.48 16.02
N PHE A 258 7.69 -5.61 15.33
CA PHE A 258 6.74 -6.66 15.60
C PHE A 258 7.39 -8.02 15.39
N ASN A 259 6.68 -9.06 15.80
CA ASN A 259 7.15 -10.44 15.70
C ASN A 259 6.07 -11.27 15.03
N LEU A 260 6.37 -11.84 13.87
CA LEU A 260 5.39 -12.63 13.13
C LEU A 260 5.32 -14.07 13.60
N GLY A 261 6.32 -14.56 14.33
CA GLY A 261 6.30 -15.92 14.80
C GLY A 261 5.40 -16.10 16.00
N CYS A 262 5.22 -17.37 16.38
CA CYS A 262 4.40 -17.71 17.53
C CYS A 262 5.17 -17.69 18.84
N ASP A 263 6.50 -17.78 18.78
CA ASP A 263 7.34 -17.79 19.98
C ASP A 263 7.87 -16.39 20.21
N VAL A 264 7.40 -15.73 21.26
CA VAL A 264 7.83 -14.37 21.57
C VAL A 264 9.30 -14.31 21.95
N HIS A 265 9.93 -15.45 22.21
CA HIS A 265 11.33 -15.48 22.62
C HIS A 265 12.29 -15.75 21.46
N GLN A 266 11.78 -16.02 20.27
CA GLN A 266 12.60 -16.17 19.08
C GLN A 266 12.61 -14.86 18.29
N THR A 267 13.66 -14.70 17.47
CA THR A 267 13.88 -13.46 16.75
C THR A 267 13.89 -13.62 15.24
N GLU A 268 13.75 -14.85 14.72
CA GLU A 268 13.85 -15.06 13.28
C GLU A 268 12.83 -14.21 12.52
N HIS A 269 11.64 -14.01 13.09
CA HIS A 269 10.57 -13.27 12.44
C HIS A 269 10.32 -11.90 13.06
N VAL A 270 11.32 -11.33 13.75
CA VAL A 270 11.22 -9.97 14.26
C VAL A 270 11.69 -9.01 13.17
N TYR A 271 10.85 -8.03 12.85
CA TYR A 271 11.13 -7.09 11.77
C TYR A 271 10.94 -5.66 12.24
N ARG A 272 11.79 -4.77 11.74
CA ARG A 272 11.62 -3.33 11.90
CA ARG A 272 11.64 -3.33 11.90
C ARG A 272 11.25 -2.76 10.54
N VAL A 273 10.05 -2.21 10.44
CA VAL A 273 9.52 -1.71 9.18
C VAL A 273 9.22 -0.22 9.31
N TYR A 274 9.71 0.57 8.37
CA TYR A 274 9.45 2.00 8.29
C TYR A 274 8.25 2.23 7.38
N VAL A 275 7.32 3.07 7.82
CA VAL A 275 6.10 3.35 7.07
C VAL A 275 5.86 4.85 7.10
N ALA A 276 5.72 5.47 5.92
CA ALA A 276 5.46 6.89 5.82
C ALA A 276 4.39 7.13 4.77
N THR A 277 3.42 7.99 5.10
CA THR A 277 2.35 8.38 4.19
C THR A 277 2.39 9.88 4.04
N PHE A 278 2.26 10.37 2.80
CA PHE A 278 2.40 11.78 2.49
C PHE A 278 1.13 12.28 1.82
N LEU A 279 0.26 12.91 2.62
CA LEU A 279 -0.98 13.47 2.10
C LEU A 279 -0.68 14.67 1.21
N GLY A 280 -1.31 14.72 0.05
CA GLY A 280 -1.09 15.81 -0.89
C GLY A 280 0.13 15.63 -1.76
N PHE A 281 0.74 14.44 -1.79
CA PHE A 281 1.90 14.17 -2.63
C PHE A 281 1.63 13.05 -3.62
N GLY A 282 0.35 12.74 -3.89
CA GLY A 282 0.01 11.86 -4.97
C GLY A 282 0.05 12.59 -6.31
N GLY A 283 -0.08 11.81 -7.38
CA GLY A 283 0.03 12.38 -8.71
C GLY A 283 -0.99 13.49 -8.95
N ASN A 284 -2.27 13.18 -8.73
CA ASN A 284 -3.32 14.16 -8.96
C ASN A 284 -3.23 15.33 -7.99
N ALA A 285 -2.99 15.04 -6.71
CA ALA A 285 -2.85 16.12 -5.73
C ALA A 285 -1.70 17.06 -6.09
N ALA A 286 -0.58 16.50 -6.54
CA ALA A 286 0.55 17.33 -6.94
C ALA A 286 0.16 18.24 -8.10
N ARG A 287 -0.57 17.70 -9.08
CA ARG A 287 -1.00 18.52 -10.22
C ARG A 287 -1.92 19.64 -9.75
N GLN A 288 -2.80 19.36 -8.79
CA GLN A 288 -3.70 20.40 -8.30
C GLN A 288 -2.93 21.47 -7.53
N ARG A 289 -1.97 21.07 -6.70
CA ARG A 289 -1.14 22.05 -6.00
C ARG A 289 -0.35 22.89 -7.00
N TYR A 290 0.08 22.28 -8.10
CA TYR A 290 0.82 23.00 -9.12
C TYR A 290 -0.08 24.02 -9.82
N GLU A 291 -1.28 23.60 -10.22
CA GLU A 291 -2.21 24.53 -10.84
C GLU A 291 -2.61 25.65 -9.88
N ASP A 292 -2.71 25.35 -8.59
CA ASP A 292 -3.05 26.38 -7.60
C ASP A 292 -2.03 27.50 -7.61
N ARG A 293 -0.74 27.17 -7.76
CA ARG A 293 0.28 28.20 -7.72
C ARG A 293 0.33 28.98 -9.03
N ILE A 294 0.09 28.31 -10.16
CA ILE A 294 -0.05 29.02 -11.43
C ILE A 294 -1.17 30.05 -11.31
N PHE A 295 -2.31 29.63 -10.76
CA PHE A 295 -3.44 30.53 -10.62
C PHE A 295 -3.10 31.69 -9.68
N ALA A 296 -2.51 31.39 -8.53
CA ALA A 296 -2.19 32.44 -7.57
C ALA A 296 -1.16 33.41 -8.11
N ASN A 297 -0.19 32.92 -8.89
CA ASN A 297 0.89 33.75 -9.38
C ASN A 297 0.50 34.63 -10.56
N THR A 298 -0.77 34.61 -10.97
CA THR A 298 -1.20 35.46 -12.07
C THR A 298 -0.90 36.93 -11.79
N ILE A 299 -0.95 37.34 -10.52
CA ILE A 299 -0.76 38.76 -10.18
C ILE A 299 0.68 39.04 -9.80
N GLN A 300 1.58 38.08 -10.03
CA GLN A 300 3.00 38.38 -9.95
C GLN A 300 3.40 39.28 -11.12
N LYS A 301 4.33 40.20 -10.86
CA LYS A 301 4.67 41.20 -11.87
C LYS A 301 5.24 40.56 -13.13
N ASN A 302 6.03 39.50 -12.98
CA ASN A 302 6.60 38.85 -14.16
C ASN A 302 5.51 38.27 -15.04
N ARG A 303 4.45 37.72 -14.44
CA ARG A 303 3.34 37.19 -15.22
C ARG A 303 2.54 38.30 -15.87
N LEU A 304 2.32 39.40 -15.14
CA LEU A 304 1.48 40.49 -15.65
C LEU A 304 2.18 41.26 -16.77
N LEU A 305 3.50 41.43 -16.67
CA LEU A 305 4.23 42.25 -17.62
C LEU A 305 4.65 41.49 -18.87
N GLY A 306 4.50 40.17 -18.89
CA GLY A 306 4.84 39.37 -20.04
C GLY A 306 3.65 39.10 -20.93
N LYS A 307 3.74 38.03 -21.72
CA LYS A 307 2.65 37.59 -22.59
C LYS A 307 2.11 36.23 -22.20
N GLN A 308 2.44 35.75 -21.00
CA GLN A 308 1.92 34.49 -20.46
C GLN A 308 1.08 34.76 -19.22
N THR A 309 0.34 35.86 -19.22
CA THR A 309 -0.49 36.18 -18.07
C THR A 309 -1.59 35.14 -17.86
N GLY A 310 -2.11 34.57 -18.95
CA GLY A 310 -3.12 33.53 -18.87
C GLY A 310 -4.55 34.02 -18.77
N LEU A 311 -4.79 35.33 -18.88
CA LEU A 311 -6.12 35.88 -18.66
C LEU A 311 -7.04 35.68 -19.84
N THR A 312 -6.51 35.52 -21.05
CA THR A 312 -7.31 35.22 -22.22
C THR A 312 -6.60 34.14 -23.03
N PRO A 313 -7.33 33.41 -23.88
CA PRO A 313 -6.71 32.32 -24.63
C PRO A 313 -5.56 32.75 -25.52
N ASP A 314 -5.51 34.03 -25.91
CA ASP A 314 -4.45 34.51 -26.81
C ASP A 314 -3.14 34.75 -26.09
N MET A 315 -3.13 34.79 -24.76
CA MET A 315 -1.92 34.97 -23.97
C MET A 315 -1.87 33.92 -22.87
N PRO A 316 -1.76 32.65 -23.24
CA PRO A 316 -1.86 31.58 -22.24
C PRO A 316 -0.55 31.31 -21.55
N TYR A 317 -0.65 30.81 -20.33
CA TYR A 317 0.52 30.34 -19.60
C TYR A 317 1.06 29.09 -20.29
N LEU A 318 2.36 29.08 -20.56
CA LEU A 318 3.00 27.96 -21.25
C LEU A 318 3.43 26.94 -20.21
N ASP A 319 2.70 25.83 -20.12
CA ASP A 319 2.94 24.84 -19.09
C ASP A 319 3.80 23.72 -19.66
N PRO A 320 5.04 23.55 -19.21
CA PRO A 320 5.87 22.45 -19.74
C PRO A 320 5.40 21.08 -19.27
N CYS A 321 4.54 21.02 -18.26
CA CYS A 321 4.04 19.77 -17.72
C CYS A 321 2.79 19.27 -18.45
N LEU A 322 2.43 19.87 -19.58
CA LEU A 322 1.32 19.41 -20.38
C LEU A 322 1.80 19.00 -21.77
N PRO A 323 1.10 18.06 -22.42
CA PRO A 323 1.52 17.65 -23.77
C PRO A 323 1.58 18.85 -24.72
N LEU A 324 2.44 18.72 -25.73
CA LEU A 324 2.64 19.81 -26.67
C LEU A 324 1.34 20.19 -27.36
N ASP A 325 1.01 21.49 -27.31
CA ASP A 325 -0.08 22.13 -28.05
C ASP A 325 -1.46 21.83 -27.47
N ILE A 326 -1.56 21.14 -26.33
CA ILE A 326 -2.85 21.00 -25.69
C ILE A 326 -3.27 22.32 -25.08
N LYS A 327 -4.57 22.59 -25.11
CA LYS A 327 -5.13 23.79 -24.52
C LYS A 327 -5.95 23.39 -23.29
N ASP A 328 -5.54 23.90 -22.12
CA ASP A 328 -6.19 23.61 -20.86
C ASP A 328 -6.50 24.94 -20.17
N GLU A 329 -7.32 24.87 -19.12
CA GLU A 329 -7.67 26.09 -18.39
C GLU A 329 -7.89 25.75 -16.92
N ILE A 330 -7.60 26.73 -16.06
CA ILE A 330 -7.78 26.63 -14.63
C ILE A 330 -8.93 27.55 -14.24
N GLN A 331 -9.92 27.01 -13.55
CA GLN A 331 -11.07 27.77 -13.08
C GLN A 331 -11.09 27.76 -11.56
N GLN A 332 -11.14 28.94 -10.97
CA GLN A 332 -10.98 29.07 -9.52
C GLN A 332 -11.48 30.44 -9.10
N ASN A 333 -12.40 30.48 -8.14
CA ASN A 333 -13.00 31.72 -7.66
C ASN A 333 -13.74 32.45 -8.77
N GLY A 334 -14.30 31.72 -9.73
CA GLY A 334 -14.98 32.31 -10.86
C GLY A 334 -14.08 32.78 -11.98
N GLN A 335 -12.80 33.02 -11.70
CA GLN A 335 -11.85 33.42 -12.73
C GLN A 335 -11.47 32.23 -13.59
N THR A 336 -10.71 32.51 -14.65
CA THR A 336 -10.23 31.49 -15.56
C THR A 336 -8.83 31.86 -16.03
N ILE A 337 -7.92 30.90 -16.01
CA ILE A 337 -6.57 31.07 -16.51
C ILE A 337 -6.36 30.03 -17.61
N TYR A 338 -5.80 30.46 -18.73
CA TYR A 338 -5.64 29.61 -19.90
C TYR A 338 -4.19 29.16 -20.02
N LEU A 339 -4.02 27.89 -20.36
CA LEU A 339 -2.70 27.27 -20.47
C LEU A 339 -2.53 26.69 -21.87
N ARG A 340 -1.27 26.50 -22.26
CA ARG A 340 -0.93 25.77 -23.47
C ARG A 340 0.29 24.91 -23.18
N GLY A 341 0.19 23.62 -23.49
CA GLY A 341 1.28 22.70 -23.16
C GLY A 341 2.43 22.83 -24.13
N THR A 342 3.64 22.92 -23.58
CA THR A 342 4.87 22.95 -24.38
C THR A 342 5.63 21.62 -24.31
N GLY A 343 5.14 20.65 -23.55
CA GLY A 343 5.69 19.30 -23.56
C GLY A 343 7.18 19.21 -23.35
N ASP A 344 7.68 19.78 -22.25
CA ASP A 344 9.11 19.77 -21.92
C ASP A 344 9.28 18.98 -20.63
N PHE A 345 9.57 17.69 -20.77
CA PHE A 345 9.65 16.79 -19.62
C PHE A 345 10.71 17.25 -18.63
N ASP A 346 11.91 17.57 -19.11
CA ASP A 346 12.98 17.98 -18.22
C ASP A 346 12.65 19.31 -17.54
N LEU A 347 12.00 20.22 -18.25
CA LEU A 347 11.63 21.50 -17.64
C LEU A 347 10.48 21.32 -16.66
N CYS A 348 9.61 20.34 -16.90
CA CYS A 348 8.55 20.04 -15.94
C CYS A 348 9.13 19.57 -14.62
N ARG A 349 10.16 18.71 -14.67
CA ARG A 349 10.77 18.20 -13.45
C ARG A 349 11.32 19.32 -12.59
N GLU A 350 11.99 20.30 -13.21
CA GLU A 350 12.53 21.41 -12.44
C GLU A 350 11.42 22.27 -11.85
N THR A 351 10.31 22.42 -12.57
CA THR A 351 9.24 23.31 -12.13
C THR A 351 8.54 22.74 -10.90
N ILE A 352 8.35 21.42 -10.84
CA ILE A 352 7.57 20.81 -9.76
C ILE A 352 8.43 20.43 -8.55
N GLN A 353 9.74 20.64 -8.61
CA GLN A 353 10.61 20.39 -7.47
C GLN A 353 10.07 20.98 -6.17
N PRO A 354 9.73 22.26 -6.09
CA PRO A 354 9.29 22.83 -4.80
C PRO A 354 8.17 22.07 -4.14
N PHE A 355 7.30 21.43 -4.92
CA PHE A 355 6.10 20.82 -4.37
C PHE A 355 6.36 19.53 -3.62
N MET A 356 7.58 18.98 -3.72
CA MET A 356 7.98 17.89 -2.84
C MET A 356 8.22 18.39 -1.42
N ASN A 357 8.40 19.69 -1.24
CA ASN A 357 8.49 20.29 0.10
C ASN A 357 9.71 19.79 0.86
N LYS A 358 10.80 19.56 0.13
CA LYS A 358 12.03 19.08 0.75
C LYS A 358 12.68 20.19 1.58
N THR A 359 13.28 19.80 2.70
CA THR A 359 14.07 20.69 3.53
C THR A 359 15.54 20.35 3.37
N ASN A 360 16.39 21.09 4.06
CA ASN A 360 17.83 20.85 4.04
C ASN A 360 18.27 19.88 5.13
N GLU A 361 17.35 19.41 5.96
CA GLU A 361 17.70 18.48 7.03
C GLU A 361 18.17 17.15 6.46
N THR A 362 19.23 16.60 7.05
CA THR A 362 19.76 15.32 6.60
C THR A 362 18.80 14.19 6.99
N GLN A 363 18.77 13.15 6.16
CA GLN A 363 17.95 11.97 6.41
C GLN A 363 16.46 12.29 6.34
N THR A 364 16.09 13.19 5.43
CA THR A 364 14.70 13.55 5.23
C THR A 364 14.35 13.48 3.75
N SER A 365 13.10 13.14 3.45
CA SER A 365 12.62 12.98 2.10
C SER A 365 11.60 14.07 1.76
N LEU A 366 10.33 13.71 1.67
CA LEU A 366 9.30 14.68 1.35
C LEU A 366 8.84 15.39 2.62
N ASN A 367 8.50 16.68 2.47
CA ASN A 367 7.88 17.44 3.55
C ASN A 367 8.75 17.46 4.82
N GLY A 368 10.05 17.26 4.67
CA GLY A 368 10.94 17.25 5.82
C GLY A 368 10.76 16.08 6.77
N VAL A 369 10.16 14.99 6.31
CA VAL A 369 9.91 13.84 7.15
C VAL A 369 11.14 12.96 7.18
N TYR A 370 11.44 12.39 8.34
CA TYR A 370 12.62 11.55 8.49
C TYR A 370 12.47 10.27 7.69
N GLN A 371 13.59 9.81 7.13
CA GLN A 371 13.63 8.57 6.36
C GLN A 371 14.87 7.77 6.75
N PRO A 372 14.73 6.55 7.25
CA PRO A 372 15.91 5.76 7.58
C PRO A 372 16.72 5.46 6.34
N PRO A 373 18.04 5.30 6.48
CA PRO A 373 18.86 5.02 5.31
C PRO A 373 18.45 3.72 4.65
N ILE A 374 18.48 3.69 3.32
CA ILE A 374 18.17 2.51 2.54
C ILE A 374 19.47 1.94 2.00
N HIS A 375 19.67 0.64 2.20
CA HIS A 375 20.83 -0.07 1.65
C HIS A 375 20.55 -0.31 0.17
N PHE A 376 20.77 0.73 -0.63
CA PHE A 376 20.37 0.68 -2.03
C PHE A 376 21.02 -0.47 -2.78
N GLN A 377 22.32 -0.71 -2.52
CA GLN A 377 23.01 -1.76 -3.24
C GLN A 377 22.47 -3.15 -2.91
N ASN A 378 21.75 -3.30 -1.80
CA ASN A 378 21.16 -4.59 -1.39
C ASN A 378 19.72 -4.35 -0.94
N SER A 379 18.85 -4.08 -1.91
CA SER A 379 17.44 -3.83 -1.62
C SER A 379 16.63 -4.06 -2.89
N GLU A 380 15.30 -4.09 -2.71
CA GLU A 380 14.37 -4.20 -3.83
C GLU A 380 13.04 -3.59 -3.41
N PHE A 381 12.34 -3.01 -4.38
CA PHE A 381 11.07 -2.36 -4.13
C PHE A 381 10.08 -2.72 -5.22
N TYR A 382 8.80 -2.76 -4.86
CA TYR A 382 7.70 -2.81 -5.82
C TYR A 382 7.02 -1.44 -5.87
N GLY A 383 6.66 -1.02 -7.08
CA GLY A 383 5.97 0.25 -7.29
C GLY A 383 4.55 -0.01 -7.76
N PHE A 384 3.59 0.56 -7.04
CA PHE A 384 2.17 0.36 -7.31
C PHE A 384 1.51 1.67 -7.73
N SER A 385 0.28 1.53 -8.22
CA SER A 385 -0.56 2.67 -8.60
C SER A 385 0.18 3.49 -9.66
N GLU A 386 0.40 4.79 -9.47
CA GLU A 386 0.96 5.62 -10.53
C GLU A 386 2.32 5.11 -11.00
N PHE A 387 3.09 4.46 -10.13
CA PHE A 387 4.37 3.89 -10.56
C PHE A 387 4.17 2.90 -11.70
N TYR A 388 3.03 2.22 -11.74
CA TYR A 388 2.72 1.32 -12.84
C TYR A 388 1.99 2.03 -13.97
N TYR A 389 1.00 2.87 -13.64
CA TYR A 389 0.24 3.57 -14.67
C TYR A 389 1.14 4.49 -15.49
N CYS A 390 2.12 5.13 -14.85
CA CYS A 390 2.99 6.06 -15.55
C CYS A 390 4.08 5.38 -16.36
N THR A 391 4.32 4.08 -16.13
CA THR A 391 5.28 3.34 -16.95
C THR A 391 4.61 2.47 -18.01
N GLU A 392 3.38 2.03 -17.79
CA GLU A 392 2.73 1.06 -18.65
C GLU A 392 1.60 1.63 -19.51
N ASP A 393 0.74 2.48 -18.95
CA ASP A 393 -0.53 2.77 -19.60
C ASP A 393 -0.34 3.37 -20.99
N VAL A 394 0.63 4.28 -21.16
CA VAL A 394 0.93 4.86 -22.46
C VAL A 394 2.36 4.58 -22.89
N LEU A 395 3.32 4.61 -21.96
CA LEU A 395 4.70 4.31 -22.32
C LEU A 395 4.93 2.81 -22.54
N ARG A 396 4.09 1.96 -21.97
CA ARG A 396 4.09 0.53 -22.27
C ARG A 396 5.40 -0.14 -21.85
N MET A 397 5.90 0.24 -20.68
CA MET A 397 7.12 -0.37 -20.14
C MET A 397 6.97 -0.62 -18.65
N GLY A 398 5.81 -1.11 -18.24
CA GLY A 398 5.64 -1.56 -16.88
C GLY A 398 6.57 -2.72 -16.56
N GLY A 399 6.84 -2.88 -15.26
CA GLY A 399 7.73 -3.93 -14.80
C GLY A 399 9.04 -3.37 -14.29
N ASP A 400 10.15 -4.04 -14.63
CA ASP A 400 11.46 -3.59 -14.16
C ASP A 400 11.74 -2.17 -14.63
N TYR A 401 11.98 -1.28 -13.69
CA TYR A 401 12.20 0.13 -13.98
C TYR A 401 13.64 0.36 -14.43
N ASN A 402 13.80 1.24 -15.41
CA ASN A 402 15.11 1.67 -15.90
C ASN A 402 15.03 3.16 -16.20
N ALA A 403 15.75 3.97 -15.43
CA ALA A 403 15.63 5.42 -15.55
C ALA A 403 15.88 5.89 -16.97
N ALA A 404 16.99 5.45 -17.57
CA ALA A 404 17.34 5.89 -18.91
C ALA A 404 16.22 5.60 -19.90
N LYS A 405 15.73 4.36 -19.91
CA LYS A 405 14.66 4.00 -20.83
C LYS A 405 13.38 4.75 -20.54
N PHE A 406 13.11 5.04 -19.26
CA PHE A 406 11.88 5.73 -18.89
C PHE A 406 11.94 7.20 -19.28
N THR A 407 13.02 7.89 -18.92
CA THR A 407 13.11 9.32 -19.21
C THR A 407 13.05 9.57 -20.71
N LYS A 408 13.68 8.71 -21.51
CA LYS A 408 13.63 8.85 -22.96
C LYS A 408 12.21 8.72 -23.47
N ALA A 409 11.53 7.63 -23.10
CA ALA A 409 10.15 7.42 -23.53
C ALA A 409 9.24 8.53 -23.00
N ALA A 410 9.44 8.92 -21.74
CA ALA A 410 8.62 9.99 -21.16
C ALA A 410 8.84 11.30 -21.89
N LYS A 411 10.09 11.61 -22.22
CA LYS A 411 10.39 12.83 -22.98
C LYS A 411 9.71 12.81 -24.34
N ASP A 412 9.77 11.67 -25.03
CA ASP A 412 9.22 11.58 -26.38
C ASP A 412 7.70 11.71 -26.36
N TYR A 413 7.04 11.11 -25.36
CA TYR A 413 5.59 11.24 -25.26
C TYR A 413 5.19 12.69 -25.09
N CYS A 414 5.87 13.43 -24.20
CA CYS A 414 5.49 14.80 -23.91
C CYS A 414 5.71 15.70 -25.12
N ALA A 415 6.77 15.46 -25.89
CA ALA A 415 7.07 16.28 -27.06
C ALA A 415 6.18 15.97 -28.26
N THR A 416 5.25 15.02 -28.13
CA THR A 416 4.35 14.66 -29.22
C THR A 416 3.14 15.57 -29.21
N LYS A 417 2.78 16.10 -30.38
CA LYS A 417 1.62 16.99 -30.48
C LYS A 417 0.39 16.33 -29.89
N TRP A 418 -0.42 17.13 -29.20
CA TRP A 418 -1.63 16.62 -28.58
C TRP A 418 -2.53 15.92 -29.59
N SER A 419 -2.62 16.47 -30.81
CA SER A 419 -3.49 15.86 -31.82
C SER A 419 -3.01 14.48 -32.21
N ILE A 420 -1.69 14.29 -32.30
CA ILE A 420 -1.15 12.97 -32.60
C ILE A 420 -1.46 11.99 -31.47
N LEU A 421 -1.15 12.38 -30.23
CA LEU A 421 -1.52 11.56 -29.08
C LEU A 421 -3.00 11.26 -29.09
N ARG A 422 -3.82 12.28 -29.34
CA ARG A 422 -5.26 12.10 -29.37
C ARG A 422 -5.68 11.13 -30.47
N GLU A 423 -5.06 11.23 -31.64
CA GLU A 423 -5.40 10.32 -32.74
C GLU A 423 -5.02 8.89 -32.38
N ARG A 424 -3.84 8.70 -31.78
CA ARG A 424 -3.40 7.37 -31.39
C ARG A 424 -4.32 6.79 -30.30
N PHE A 425 -4.77 7.63 -29.38
CA PHE A 425 -5.69 7.15 -28.35
C PHE A 425 -6.96 6.57 -28.97
N ASP A 426 -7.47 7.21 -30.02
CA ASP A 426 -8.70 6.73 -30.64
C ASP A 426 -8.47 5.43 -31.39
N ARG A 427 -7.27 5.20 -31.91
CA ARG A 427 -6.95 3.97 -32.62
C ARG A 427 -6.66 2.80 -31.69
N GLY A 428 -6.62 3.04 -30.37
CA GLY A 428 -6.41 1.96 -29.43
C GLY A 428 -4.96 1.57 -29.23
N LEU A 429 -4.03 2.52 -29.39
CA LEU A 429 -2.62 2.19 -29.29
C LEU A 429 -2.19 1.92 -27.86
N TYR A 430 -2.87 2.52 -26.89
CA TYR A 430 -2.45 2.46 -25.50
C TYR A 430 -3.23 1.39 -24.76
N ALA A 431 -2.86 1.19 -23.49
CA ALA A 431 -3.49 0.16 -22.68
C ALA A 431 -4.99 0.47 -22.53
N SER A 432 -5.80 -0.58 -22.51
CA SER A 432 -7.24 -0.41 -22.36
C SER A 432 -7.60 0.32 -21.06
N HIS A 433 -6.69 0.34 -20.08
CA HIS A 433 -6.94 1.05 -18.84
C HIS A 433 -6.80 2.56 -19.01
N ALA A 434 -6.09 3.02 -20.04
CA ALA A 434 -5.79 4.43 -20.19
C ALA A 434 -6.99 5.18 -20.75
N ASP A 435 -7.39 6.26 -20.07
CA ASP A 435 -8.45 7.13 -20.50
C ASP A 435 -7.86 8.49 -20.90
N LEU A 436 -8.73 9.44 -21.23
CA LEU A 436 -8.26 10.75 -21.66
C LEU A 436 -7.56 11.50 -20.54
N HIS A 437 -7.97 11.28 -19.28
CA HIS A 437 -7.26 11.87 -18.16
C HIS A 437 -5.82 11.38 -18.11
N ARG A 438 -5.61 10.08 -18.32
CA ARG A 438 -4.26 9.54 -18.39
C ARG A 438 -3.48 10.18 -19.54
N LEU A 439 -4.12 10.32 -20.70
CA LEU A 439 -3.44 10.89 -21.85
C LEU A 439 -3.00 12.32 -21.59
N LYS A 440 -3.81 13.07 -20.86
CA LYS A 440 -3.55 14.50 -20.65
C LYS A 440 -2.51 14.73 -19.55
N TYR A 441 -2.57 13.95 -18.47
CA TYR A 441 -1.74 14.21 -17.29
C TYR A 441 -0.58 13.22 -17.16
N GLN A 442 -0.35 12.38 -18.17
CA GLN A 442 0.79 11.47 -18.14
C GLN A 442 2.09 12.23 -17.93
N CYS A 443 2.25 13.37 -18.62
CA CYS A 443 3.52 14.09 -18.57
C CYS A 443 3.82 14.58 -17.16
N PHE A 444 2.90 15.35 -16.59
CA PHE A 444 3.11 15.83 -15.23
C PHE A 444 3.36 14.66 -14.28
N LYS A 445 2.53 13.62 -14.37
CA LYS A 445 2.63 12.52 -13.40
C LYS A 445 3.89 11.69 -13.61
N SER A 446 4.33 11.52 -14.86
CA SER A 446 5.58 10.80 -15.09
C SER A 446 6.76 11.57 -14.50
N ALA A 447 6.77 12.89 -14.64
CA ALA A 447 7.85 13.70 -14.08
C ALA A 447 7.76 13.74 -12.55
N TRP A 448 6.56 13.88 -12.02
CA TRP A 448 6.38 13.82 -10.57
C TRP A 448 6.82 12.47 -10.02
N MET A 449 6.43 11.39 -10.69
CA MET A 449 6.89 10.05 -10.30
C MET A 449 8.41 10.00 -10.28
N PHE A 450 9.05 10.53 -11.32
CA PHE A 450 10.50 10.45 -11.43
C PHE A 450 11.19 11.21 -10.30
N GLU A 451 10.66 12.39 -9.96
CA GLU A 451 11.30 13.25 -8.97
C GLU A 451 11.05 12.75 -7.56
N VAL A 452 9.81 12.38 -7.23
CA VAL A 452 9.52 11.79 -5.92
C VAL A 452 10.45 10.62 -5.67
N PHE A 453 10.68 9.80 -6.69
CA PHE A 453 11.48 8.59 -6.52
C PHE A 453 12.96 8.92 -6.32
N HIS A 454 13.53 9.69 -7.25
CA HIS A 454 14.97 9.86 -7.30
C HIS A 454 15.49 11.02 -6.45
N ARG A 455 14.65 11.99 -6.10
CA ARG A 455 15.11 13.10 -5.27
C ARG A 455 14.22 13.28 -4.04
N GLY A 456 12.98 12.85 -4.12
CA GLY A 456 12.14 12.79 -2.94
C GLY A 456 12.67 11.76 -1.96
N PHE A 457 12.75 10.51 -2.44
CA PHE A 457 13.26 9.41 -1.63
C PHE A 457 14.72 9.09 -1.88
N SER A 458 15.34 9.75 -2.87
CA SER A 458 16.79 9.69 -3.08
C SER A 458 17.26 8.34 -3.62
N PHE A 459 16.43 7.67 -4.42
CA PHE A 459 16.88 6.44 -5.07
C PHE A 459 17.90 6.78 -6.17
N PRO A 460 19.00 6.04 -6.26
CA PRO A 460 19.98 6.34 -7.31
C PRO A 460 19.35 6.27 -8.69
N VAL A 461 19.84 7.12 -9.59
CA VAL A 461 19.35 7.10 -10.97
C VAL A 461 19.58 5.73 -11.59
N ASN A 462 20.69 5.10 -11.24
CA ASN A 462 21.02 3.77 -11.77
C ASN A 462 20.34 2.64 -11.00
N TYR A 463 19.39 2.95 -10.13
CA TYR A 463 18.74 1.90 -9.33
C TYR A 463 18.10 0.87 -10.26
N LYS A 464 18.41 -0.41 -10.01
CA LYS A 464 18.00 -1.50 -10.88
C LYS A 464 16.99 -2.44 -10.24
N SER A 465 16.56 -2.17 -9.01
CA SER A 465 15.77 -3.13 -8.25
C SER A 465 14.35 -2.65 -7.97
N LEU A 466 13.84 -1.73 -8.77
CA LEU A 466 12.43 -1.33 -8.69
C LEU A 466 11.64 -2.07 -9.75
N LYS A 467 10.52 -2.65 -9.34
CA LYS A 467 9.59 -3.28 -10.28
C LYS A 467 8.22 -2.63 -10.08
N THR A 468 7.75 -1.95 -11.11
CA THR A 468 6.39 -1.41 -11.09
C THR A 468 5.42 -2.51 -11.50
N ALA A 469 4.26 -2.54 -10.84
CA ALA A 469 3.32 -3.63 -11.05
C ALA A 469 1.96 -3.23 -10.52
N LEU A 470 0.94 -3.91 -11.03
CA LEU A 470 -0.42 -3.76 -10.53
C LEU A 470 -0.81 -4.87 -9.56
N GLN A 471 -0.24 -6.05 -9.71
CA GLN A 471 -0.52 -7.17 -8.85
C GLN A 471 0.71 -8.05 -8.75
N VAL A 472 0.67 -9.01 -7.83
CA VAL A 472 1.77 -9.93 -7.57
C VAL A 472 1.25 -11.35 -7.73
N TYR A 473 1.97 -12.15 -8.50
CA TYR A 473 1.52 -13.50 -8.84
C TYR A 473 0.07 -13.47 -9.32
N ASP A 474 -0.25 -12.47 -10.13
CA ASP A 474 -1.54 -12.35 -10.79
C ASP A 474 -2.68 -12.19 -9.79
N LYS A 475 -2.40 -11.59 -8.64
CA LYS A 475 -3.42 -11.31 -7.64
C LYS A 475 -3.11 -9.98 -6.96
N GLU A 476 -4.17 -9.23 -6.66
CA GLU A 476 -4.02 -7.96 -5.96
C GLU A 476 -3.36 -8.19 -4.60
N VAL A 477 -2.67 -7.16 -4.11
CA VAL A 477 -2.07 -7.20 -2.78
C VAL A 477 -3.16 -6.93 -1.74
N GLN A 478 -3.39 -7.90 -0.87
CA GLN A 478 -4.39 -7.77 0.18
C GLN A 478 -3.69 -7.39 1.48
N TRP A 479 -3.82 -6.13 1.89
CA TRP A 479 -3.34 -5.77 3.22
C TRP A 479 -4.11 -6.53 4.30
N THR A 480 -5.36 -6.93 3.99
CA THR A 480 -6.10 -7.78 4.90
C THR A 480 -5.41 -9.11 5.12
N LEU A 481 -4.63 -9.58 4.14
CA LEU A 481 -3.89 -10.82 4.30
C LEU A 481 -2.79 -10.67 5.35
N GLY A 482 -2.08 -9.54 5.34
CA GLY A 482 -1.11 -9.28 6.38
C GLY A 482 -1.75 -9.11 7.74
N ALA A 483 -2.98 -8.60 7.78
CA ALA A 483 -3.68 -8.44 9.04
C ALA A 483 -4.04 -9.79 9.65
N ILE A 484 -4.71 -10.65 8.87
CA ILE A 484 -5.05 -11.98 9.37
C ILE A 484 -3.79 -12.74 9.76
N LEU A 485 -2.72 -12.57 8.98
CA LEU A 485 -1.49 -13.30 9.27
C LEU A 485 -0.89 -12.84 10.60
N TYR A 486 -0.98 -11.54 10.90
CA TYR A 486 -0.44 -11.03 12.15
C TYR A 486 -1.35 -11.37 13.34
N ARG A 487 -2.67 -11.28 13.15
CA ARG A 487 -3.57 -11.52 14.28
C ARG A 487 -3.60 -13.00 14.68
N THR A 488 -3.36 -13.91 13.74
CA THR A 488 -3.41 -15.34 14.02
C THR A 488 -2.03 -15.93 14.28
N ARG A 489 -1.02 -15.09 14.53
CA ARG A 489 0.35 -15.57 14.58
C ARG A 489 0.62 -16.52 15.74
N PHE A 490 -0.25 -16.56 16.75
CA PHE A 490 -0.02 -17.41 17.90
C PHE A 490 -0.73 -18.76 17.80
N LEU A 491 -1.68 -18.92 16.88
CA LEU A 491 -2.37 -20.20 16.75
C LEU A 491 -1.43 -21.39 16.67
N PRO A 492 -0.32 -21.34 15.93
CA PRO A 492 0.59 -22.51 15.91
C PRO A 492 1.02 -22.97 17.30
N LEU A 493 0.90 -22.10 18.32
CA LEU A 493 1.24 -22.51 19.66
C LEU A 493 0.40 -23.69 20.12
N ARG A 494 -0.85 -23.77 19.67
CA ARG A 494 -1.69 -24.90 20.02
C ARG A 494 -1.01 -26.21 19.63
N ASP A 495 -0.73 -26.39 18.35
CA ASP A 495 -0.17 -27.66 17.89
C ASP A 495 1.21 -27.92 18.48
N ILE A 496 2.00 -26.87 18.70
CA ILE A 496 3.39 -27.04 19.13
C ILE A 496 3.48 -27.18 20.64
N GLN A 497 3.14 -26.12 21.36
CA GLN A 497 3.39 -26.04 22.81
C GLN A 497 2.16 -26.41 23.62
N GLN A 498 1.53 -27.55 23.33
CA GLN A 498 0.50 -28.06 24.24
C GLN A 498 1.09 -28.37 25.61
N GLU A 499 2.31 -28.91 25.64
CA GLU A 499 2.92 -29.31 26.90
C GLU A 499 3.31 -28.10 27.74
N ALA A 500 3.83 -27.05 27.10
CA ALA A 500 4.33 -25.89 27.85
C ALA A 500 3.27 -25.31 28.77
N PHE A 501 2.00 -25.38 28.38
CA PHE A 501 0.91 -24.76 29.12
C PHE A 501 -0.04 -25.79 29.73
N ARG A 502 0.44 -27.00 29.99
CA ARG A 502 -0.39 -28.00 30.63
C ARG A 502 -0.72 -27.56 32.05
N ALA A 503 -1.96 -27.81 32.46
CA ALA A 503 -2.40 -27.41 33.79
C ALA A 503 -1.65 -28.20 34.85
N SER A 504 -1.20 -27.50 35.89
CA SER A 504 -0.52 -28.12 37.01
C SER A 504 -1.53 -28.41 38.11
N HIS A 505 -1.75 -29.68 38.40
CA HIS A 505 -2.69 -30.09 39.44
C HIS A 505 -2.00 -30.13 40.79
N THR A 506 -2.71 -29.65 41.81
CA THR A 506 -2.17 -29.56 43.17
C THR A 506 -2.83 -30.59 44.07
N HIS A 507 -2.03 -31.21 44.93
CA HIS A 507 -2.52 -32.09 45.97
C HIS A 507 -2.55 -31.30 47.26
N TRP A 508 -3.76 -30.91 47.68
CA TRP A 508 -3.91 -30.04 48.85
C TRP A 508 -3.87 -30.84 50.14
#